data_6TGG
#
_entry.id   6TGG
#
_cell.length_a   35.271
_cell.length_b   68.689
_cell.length_c   90.393
_cell.angle_alpha   90.000
_cell.angle_beta   90.000
_cell.angle_gamma   90.000
#
_symmetry.space_group_name_H-M   'P 21 21 21'
#
loop_
_entity.id
_entity.type
_entity.pdbx_description
1 polymer ScFv_SM3
2 polymer Mucin-1
3 non-polymer 1,2-ETHANEDIOL
4 non-polymer ~{N}-[(6~{S},7~{R},8~{S},8~{a}~{R})-7,8-bis(oxidanyl)-3-oxidanylidene-1,5,6,7,8,8~{a}-hexahydro-[1,3]oxazolo[3,4-a]pyridin-6-yl]ethanamide
5 water water
#
loop_
_entity_poly.entity_id
_entity_poly.type
_entity_poly.pdbx_seq_one_letter_code
_entity_poly.pdbx_strand_id
1 'polypeptide(L)'
;QVQLQESGGGLVQPGGSMKLSCVASGFTFSNYWMNWVRQSPEKGLEWVAEIRLKSNNYATHYAESVKGRFTISRDDSKSS
VYLQMNNLRAEDTGIYYCTGVGQFAYWGQGTTVTVSSSSGGGGSGGGGGSSGSSDIVVTQESALTTSPGETVTLTCRSST
GAVTTSNYANWVQEKPDHLFTGLIGGTNNRAPGVPARFSGSLIGDKAALTITGAQTEDEAIYFCALWYSNHWVFGGGTKL
TVLG
;
H
2 'polypeptide(L)' APDTRP P
#
loop_
_chem_comp.id
_chem_comp.type
_chem_comp.name
_chem_comp.formula
EDO non-polymer 1,2-ETHANEDIOL 'C2 H6 O2'
N8W non-polymer ~{N}-[(6~{S},7~{R},8~{S},8~{a}~{R})-7,8-bis(oxidanyl)-3-oxidanylidene-1,5,6,7,8,8~{a}-hexahydro-[1,3]oxazolo[3,4-a]pyridin-6-yl]ethanamide 'C9 H14 N2 O5'
#
# COMPACT_ATOMS: atom_id res chain seq x y z
N GLN A 1 16.23 -10.23 1.52
CA GLN A 1 14.81 -10.38 1.92
C GLN A 1 14.59 -9.62 3.24
N VAL A 2 14.19 -8.34 3.11
CA VAL A 2 13.39 -7.68 4.12
C VAL A 2 12.14 -8.55 4.37
N GLN A 3 11.71 -8.63 5.64
CA GLN A 3 10.52 -9.41 6.02
C GLN A 3 9.63 -8.59 6.96
N LEU A 4 8.33 -8.53 6.64
CA LEU A 4 7.35 -8.05 7.58
C LEU A 4 6.39 -9.20 7.82
N GLN A 5 5.93 -9.35 9.06
CA GLN A 5 5.07 -10.48 9.41
C GLN A 5 4.02 -10.05 10.45
N GLU A 6 2.76 -10.07 10.00
CA GLU A 6 1.61 -9.63 10.79
C GLU A 6 1.06 -10.85 11.56
N SER A 7 0.37 -10.60 12.67
CA SER A 7 -0.28 -11.63 13.42
C SER A 7 -1.42 -11.00 14.23
N GLY A 8 -2.35 -11.82 14.72
CA GLY A 8 -3.32 -11.41 15.74
C GLY A 8 -4.74 -11.36 15.22
N GLY A 9 -4.95 -11.61 13.92
CA GLY A 9 -6.28 -11.56 13.33
C GLY A 9 -7.07 -12.81 13.69
N GLY A 10 -8.30 -12.89 13.22
CA GLY A 10 -9.17 -14.02 13.45
C GLY A 10 -10.61 -13.68 13.15
N LEU A 11 -11.52 -14.30 13.91
CA LEU A 11 -12.97 -14.27 13.71
C LEU A 11 -13.59 -13.67 14.98
N VAL A 12 -14.18 -12.48 14.86
CA VAL A 12 -14.60 -11.64 15.96
C VAL A 12 -16.03 -11.12 15.70
N GLN A 13 -16.74 -10.72 16.75
CA GLN A 13 -18.13 -10.19 16.63
C GLN A 13 -18.09 -8.66 16.59
N PRO A 14 -19.08 -8.02 15.95
CA PRO A 14 -19.26 -6.57 16.05
C PRO A 14 -19.19 -6.11 17.51
N GLY A 15 -18.55 -4.97 17.76
CA GLY A 15 -18.48 -4.40 19.10
C GLY A 15 -17.17 -4.74 19.78
N GLY A 16 -16.53 -5.83 19.34
CA GLY A 16 -15.33 -6.36 19.97
C GLY A 16 -14.06 -5.51 19.75
N SER A 17 -12.94 -6.06 20.25
CA SER A 17 -11.61 -5.46 20.19
C SER A 17 -10.58 -6.54 19.85
N MET A 18 -9.46 -6.11 19.30
CA MET A 18 -8.42 -7.00 18.84
C MET A 18 -7.17 -6.16 18.54
N LYS A 19 -6.00 -6.70 18.85
CA LYS A 19 -4.78 -6.00 18.60
C LYS A 19 -3.93 -6.82 17.63
N LEU A 20 -3.58 -6.19 16.51
CA LEU A 20 -2.66 -6.78 15.54
C LEU A 20 -1.23 -6.37 15.86
N SER A 21 -0.30 -7.26 15.49
CA SER A 21 1.14 -6.99 15.57
C SER A 21 1.76 -7.30 14.22
N CYS A 22 2.94 -6.74 14.05
CA CYS A 22 3.72 -6.89 12.88
C CYS A 22 5.18 -6.72 13.30
N VAL A 23 5.97 -7.75 12.96
CA VAL A 23 7.39 -7.72 13.25
C VAL A 23 8.14 -7.57 11.93
N ALA A 24 9.08 -6.61 11.93
CA ALA A 24 9.88 -6.22 10.80
C ALA A 24 11.31 -6.74 10.97
N SER A 25 11.94 -7.08 9.84
CA SER A 25 13.39 -7.41 9.83
C SER A 25 13.98 -7.01 8.46
N GLY A 26 15.28 -6.73 8.45
CA GLY A 26 16.06 -6.56 7.20
C GLY A 26 16.28 -5.10 6.82
N PHE A 27 15.72 -4.17 7.59
CA PHE A 27 15.92 -2.77 7.33
C PHE A 27 15.92 -2.07 8.68
N THR A 28 16.45 -0.85 8.73
CA THR A 28 16.53 -0.13 9.99
C THR A 28 15.12 0.41 10.30
N PHE A 29 14.30 -0.45 10.90
CA PHE A 29 12.92 -0.21 11.21
C PHE A 29 12.67 1.20 11.77
N SER A 30 13.51 1.64 12.71
CA SER A 30 13.28 2.84 13.49
C SER A 30 13.49 4.13 12.66
N ASN A 31 14.06 4.02 11.46
CA ASN A 31 14.28 5.19 10.61
C ASN A 31 13.08 5.43 9.67
N TYR A 32 12.11 4.52 9.64
CA TYR A 32 10.96 4.65 8.72
C TYR A 32 9.60 4.76 9.42
N TRP A 33 8.75 5.58 8.84
CA TRP A 33 7.35 5.56 9.16
C TRP A 33 6.78 4.18 8.79
N MET A 34 5.79 3.73 9.57
CA MET A 34 5.09 2.50 9.26
C MET A 34 3.59 2.78 9.14
N ASN A 35 2.95 1.93 8.32
CA ASN A 35 1.53 2.04 7.98
C ASN A 35 0.83 0.67 8.14
N TRP A 36 -0.48 0.74 8.44
CA TRP A 36 -1.40 -0.37 8.22
C TRP A 36 -2.27 0.00 7.01
N VAL A 37 -2.49 -0.99 6.16
CA VAL A 37 -3.34 -0.94 5.02
C VAL A 37 -4.17 -2.24 5.03
N ARG A 38 -5.46 -2.15 4.68
CA ARG A 38 -6.32 -3.30 4.71
C ARG A 38 -7.02 -3.52 3.36
N GLN A 39 -7.20 -4.78 3.02
CA GLN A 39 -7.83 -5.20 1.75
C GLN A 39 -9.20 -5.83 2.05
N SER A 40 -10.27 -5.28 1.52
CA SER A 40 -11.58 -5.84 1.92
C SER A 40 -12.06 -6.88 0.91
N PRO A 41 -13.13 -7.64 1.26
CA PRO A 41 -13.68 -8.64 0.38
C PRO A 41 -13.92 -8.05 -1.00
N GLU A 42 -14.02 -6.74 -1.12
CA GLU A 42 -14.27 -6.07 -2.41
C GLU A 42 -13.00 -5.99 -3.29
N LYS A 43 -11.87 -6.55 -2.82
CA LYS A 43 -10.50 -6.60 -3.42
C LYS A 43 -9.69 -5.30 -3.23
N GLY A 44 -10.33 -4.18 -2.91
CA GLY A 44 -9.65 -2.88 -2.81
C GLY A 44 -8.75 -2.72 -1.61
N LEU A 45 -7.76 -1.85 -1.73
CA LEU A 45 -6.87 -1.47 -0.64
C LEU A 45 -7.35 -0.15 -0.03
N GLU A 46 -7.27 -0.05 1.30
CA GLU A 46 -7.60 1.16 2.04
C GLU A 46 -6.51 1.43 3.09
N TRP A 47 -5.85 2.58 2.96
CA TRP A 47 -4.89 2.99 3.96
C TRP A 47 -5.64 3.30 5.25
N VAL A 48 -5.11 2.79 6.36
CA VAL A 48 -5.76 2.84 7.70
C VAL A 48 -5.05 3.86 8.61
N ALA A 49 -3.71 3.80 8.67
CA ALA A 49 -3.02 4.56 9.72
C ALA A 49 -1.53 4.57 9.42
N GLU A 50 -0.88 5.62 9.95
CA GLU A 50 0.54 5.78 9.89
C GLU A 50 1.08 6.18 11.26
N ILE A 51 2.34 5.81 11.47
CA ILE A 51 3.10 6.26 12.62
C ILE A 51 4.51 6.67 12.17
N ARG A 52 4.91 7.84 12.65
CA ARG A 52 6.20 8.46 12.33
C ARG A 52 7.31 7.97 13.28
N LEU A 53 8.34 8.79 13.47
CA LEU A 53 9.54 8.32 14.15
C LEU A 53 9.53 8.81 15.59
N LYS A 54 10.45 8.27 16.38
CA LYS A 54 10.69 8.78 17.72
C LYS A 54 10.94 10.30 17.66
N SER A 55 11.66 10.75 16.63
CA SER A 55 12.01 12.18 16.53
C SER A 55 10.77 13.03 16.21
N ASN A 56 9.66 12.40 15.78
CA ASN A 56 8.37 13.10 15.59
C ASN A 56 7.44 12.84 16.77
N ASN A 57 7.99 12.50 17.94
CA ASN A 57 7.23 11.99 19.07
C ASN A 57 6.15 11.03 18.55
N TYR A 58 6.52 10.17 17.59
CA TYR A 58 5.69 9.05 17.20
C TYR A 58 4.32 9.55 16.70
N ALA A 59 4.31 10.66 15.99
CA ALA A 59 3.04 11.24 15.53
C ALA A 59 2.30 10.21 14.67
N THR A 60 0.96 10.22 14.77
CA THR A 60 0.10 9.30 14.11
C THR A 60 -0.95 10.02 13.28
N HIS A 61 -1.46 9.33 12.26
CA HIS A 61 -2.58 9.81 11.50
C HIS A 61 -3.43 8.61 11.10
N TYR A 62 -4.74 8.85 11.00
CA TYR A 62 -5.71 7.81 10.74
C TYR A 62 -6.61 8.20 9.57
N ALA A 63 -7.06 7.18 8.83
CA ALA A 63 -8.22 7.31 7.96
C ALA A 63 -9.44 7.74 8.78
N GLU A 64 -10.31 8.53 8.15
CA GLU A 64 -11.56 8.93 8.83
C GLU A 64 -12.41 7.69 9.16
N SER A 65 -12.25 6.61 8.38
CA SER A 65 -13.05 5.39 8.57
C SER A 65 -12.77 4.73 9.93
N VAL A 66 -11.63 5.02 10.56
CA VAL A 66 -11.24 4.32 11.80
C VAL A 66 -10.84 5.28 12.91
N LYS A 67 -10.81 6.60 12.64
CA LYS A 67 -10.41 7.57 13.64
C LYS A 67 -11.36 7.45 14.84
N GLY A 68 -10.78 7.44 16.03
CA GLY A 68 -11.54 7.30 17.23
C GLY A 68 -11.69 5.86 17.65
N ARG A 69 -11.40 4.91 16.77
CA ARG A 69 -11.57 3.47 17.12
C ARG A 69 -10.25 2.68 17.09
N PHE A 70 -9.33 3.06 16.23
CA PHE A 70 -8.07 2.34 16.07
C PHE A 70 -6.91 3.16 16.66
N THR A 71 -5.91 2.49 17.19
CA THR A 71 -4.68 3.12 17.65
C THR A 71 -3.49 2.35 17.08
N ILE A 72 -2.61 3.06 16.37
CA ILE A 72 -1.36 2.51 15.87
C ILE A 72 -0.26 2.90 16.86
N SER A 73 0.67 1.97 17.09
CA SER A 73 1.83 2.21 17.93
C SER A 73 2.96 1.35 17.40
N ARG A 74 4.17 1.57 17.93
CA ARG A 74 5.35 0.89 17.50
C ARG A 74 6.28 0.77 18.69
N ASP A 75 7.11 -0.27 18.64
CA ASP A 75 8.13 -0.51 19.61
C ASP A 75 9.42 -0.77 18.85
N ASP A 76 10.24 0.28 18.72
CA ASP A 76 11.47 0.24 17.96
C ASP A 76 12.42 -0.81 18.53
N SER A 77 12.44 -1.01 19.87
CA SER A 77 13.35 -2.00 20.47
C SER A 77 12.97 -3.43 20.05
N LYS A 78 11.73 -3.65 19.59
CA LYS A 78 11.29 -4.96 19.08
C LYS A 78 11.00 -4.93 17.58
N SER A 79 11.31 -3.84 16.88
CA SER A 79 11.07 -3.77 15.43
C SER A 79 9.64 -4.17 15.09
N SER A 80 8.68 -3.63 15.86
CA SER A 80 7.30 -4.05 15.78
C SER A 80 6.37 -2.85 15.71
N VAL A 81 5.32 -2.97 14.88
CA VAL A 81 4.22 -2.00 14.78
C VAL A 81 2.93 -2.72 15.16
N TYR A 82 1.97 -1.96 15.72
CA TYR A 82 0.77 -2.51 16.24
C TYR A 82 -0.44 -1.68 15.81
N LEU A 83 -1.59 -2.35 15.83
CA LEU A 83 -2.87 -1.75 15.57
C LEU A 83 -3.88 -2.30 16.58
N GLN A 84 -4.27 -1.44 17.52
CA GLN A 84 -5.35 -1.71 18.47
C GLN A 84 -6.65 -1.29 17.80
N MET A 85 -7.57 -2.24 17.67
CA MET A 85 -8.83 -2.00 17.04
C MET A 85 -9.97 -2.13 18.06
N ASN A 86 -10.73 -1.06 18.24
CA ASN A 86 -11.86 -1.05 19.16
C ASN A 86 -13.17 -0.87 18.39
N ASN A 87 -14.24 -1.38 18.98
CA ASN A 87 -15.57 -1.18 18.46
C ASN A 87 -15.65 -1.59 16.99
N LEU A 88 -15.25 -2.82 16.75
CA LEU A 88 -15.19 -3.37 15.45
C LEU A 88 -16.57 -3.42 14.80
N ARG A 89 -16.57 -3.23 13.48
CA ARG A 89 -17.76 -3.20 12.64
C ARG A 89 -17.58 -4.21 11.52
N ALA A 90 -18.68 -4.65 10.92
CA ALA A 90 -18.65 -5.53 9.76
C ALA A 90 -17.71 -4.96 8.68
N GLU A 91 -17.71 -3.63 8.51
CA GLU A 91 -16.92 -2.99 7.44
C GLU A 91 -15.40 -3.00 7.75
N ASP A 92 -15.00 -3.40 8.97
CA ASP A 92 -13.61 -3.53 9.32
C ASP A 92 -13.05 -4.86 8.80
N THR A 93 -13.91 -5.76 8.34
CA THR A 93 -13.45 -7.01 7.80
C THR A 93 -12.46 -6.76 6.64
N GLY A 94 -11.37 -7.54 6.62
CA GLY A 94 -10.37 -7.54 5.56
C GLY A 94 -9.05 -8.15 5.99
N ILE A 95 -8.12 -8.22 5.04
CA ILE A 95 -6.75 -8.57 5.32
C ILE A 95 -5.94 -7.32 5.69
N TYR A 96 -5.30 -7.35 6.85
CA TYR A 96 -4.50 -6.23 7.35
C TYR A 96 -3.00 -6.47 7.13
N TYR A 97 -2.37 -5.48 6.50
CA TYR A 97 -0.99 -5.51 6.14
C TYR A 97 -0.27 -4.34 6.83
N CYS A 98 0.91 -4.61 7.31
CA CYS A 98 1.82 -3.58 7.68
C CYS A 98 2.79 -3.38 6.51
N THR A 99 3.11 -2.12 6.25
CA THR A 99 3.82 -1.72 5.03
C THR A 99 4.49 -0.37 5.24
N GLY A 100 5.67 -0.21 4.64
CA GLY A 100 6.38 1.06 4.64
C GLY A 100 7.57 1.07 3.72
N VAL A 101 8.33 2.17 3.79
CA VAL A 101 9.62 2.42 3.14
C VAL A 101 9.39 2.86 1.68
N GLY A 102 9.60 4.17 1.45
CA GLY A 102 9.75 4.83 0.16
C GLY A 102 8.66 4.51 -0.88
N GLN A 103 7.35 4.59 -0.55
CA GLN A 103 6.76 4.69 0.76
C GLN A 103 6.02 3.38 1.14
N PHE A 104 5.83 2.48 0.17
CA PHE A 104 5.15 1.21 0.36
C PHE A 104 6.00 0.10 -0.27
N ALA A 105 7.39 0.13 -0.21
CA ALA A 105 8.16 -0.93 -0.84
C ALA A 105 7.83 -2.31 -0.24
N TYR A 106 7.62 -2.35 1.09
CA TYR A 106 7.56 -3.61 1.81
C TYR A 106 6.17 -3.81 2.44
N TRP A 107 5.69 -5.04 2.31
CA TRP A 107 4.42 -5.54 2.77
C TRP A 107 4.67 -6.87 3.46
N GLY A 108 3.96 -7.06 4.58
CA GLY A 108 3.80 -8.37 5.08
C GLY A 108 2.84 -9.20 4.23
N GLN A 109 2.74 -10.46 4.64
CA GLN A 109 1.83 -11.44 4.05
C GLN A 109 0.37 -11.16 4.50
N GLY A 110 0.18 -10.39 5.61
CA GLY A 110 -1.17 -9.98 6.02
C GLY A 110 -1.78 -10.91 7.08
N THR A 111 -2.71 -10.38 7.87
CA THR A 111 -3.47 -11.17 8.85
C THR A 111 -4.94 -10.83 8.65
N THR A 112 -5.74 -11.87 8.52
CA THR A 112 -7.15 -11.79 8.19
C THR A 112 -7.99 -11.45 9.44
N VAL A 113 -8.77 -10.38 9.33
CA VAL A 113 -9.73 -9.98 10.36
C VAL A 113 -11.14 -10.17 9.78
N THR A 114 -11.93 -11.11 10.33
CA THR A 114 -13.31 -11.28 9.89
C THR A 114 -14.24 -10.86 11.05
N VAL A 115 -15.03 -9.80 10.84
CA VAL A 115 -16.00 -9.34 11.81
C VAL A 115 -17.39 -9.79 11.35
N SER A 116 -18.05 -10.69 12.08
CA SER A 116 -19.43 -11.04 11.70
C SER A 116 -20.23 -11.45 12.94
N ILE A 136 -12.05 12.16 -1.56
CA ILE A 136 -11.08 12.06 -2.63
C ILE A 136 -11.21 10.68 -3.27
N VAL A 137 -11.29 10.67 -4.59
CA VAL A 137 -11.39 9.48 -5.37
C VAL A 137 -10.18 9.44 -6.29
N VAL A 138 -9.47 8.31 -6.21
CA VAL A 138 -8.32 8.03 -7.04
C VAL A 138 -8.74 6.94 -8.01
N THR A 139 -8.65 7.23 -9.30
CA THR A 139 -9.21 6.36 -10.32
C THR A 139 -8.10 5.79 -11.20
N GLN A 140 -8.18 4.48 -11.40
CA GLN A 140 -7.31 3.69 -12.23
C GLN A 140 -8.17 2.96 -13.26
N GLU A 141 -7.55 2.58 -14.37
CA GLU A 141 -8.20 1.71 -15.38
C GLU A 141 -8.64 0.42 -14.66
N SER A 142 -9.88 -0.05 -14.90
CA SER A 142 -10.31 -1.28 -14.26
C SER A 142 -9.44 -2.45 -14.70
N ALA A 143 -9.18 -2.55 -16.01
CA ALA A 143 -8.39 -3.63 -16.60
C ALA A 143 -7.67 -3.10 -17.85
N LEU A 144 -6.47 -3.65 -18.14
CA LEU A 144 -5.79 -3.48 -19.41
C LEU A 144 -5.27 -4.84 -19.82
N THR A 145 -5.21 -5.06 -21.11
CA THR A 145 -4.67 -6.32 -21.66
C THR A 145 -3.44 -5.99 -22.52
N THR A 146 -2.38 -6.79 -22.33
CA THR A 146 -1.18 -6.63 -23.09
C THR A 146 -0.70 -8.01 -23.47
N SER A 147 0.51 -8.05 -24.04
CA SER A 147 1.14 -9.31 -24.36
CA SER A 147 1.16 -9.28 -24.47
C SER A 147 2.64 -9.17 -24.14
N PRO A 148 3.38 -10.30 -24.02
CA PRO A 148 4.81 -10.20 -23.75
C PRO A 148 5.52 -9.34 -24.80
N GLY A 149 6.34 -8.42 -24.34
CA GLY A 149 7.17 -7.60 -25.18
C GLY A 149 6.60 -6.23 -25.50
N GLU A 150 5.31 -6.02 -25.15
CA GLU A 150 4.64 -4.75 -25.42
C GLU A 150 5.00 -3.75 -24.33
N THR A 151 4.65 -2.49 -24.58
CA THR A 151 4.79 -1.43 -23.63
C THR A 151 3.38 -1.04 -23.21
N VAL A 152 3.14 -1.10 -21.91
CA VAL A 152 1.85 -0.76 -21.41
C VAL A 152 2.02 0.28 -20.31
N THR A 153 1.06 1.21 -20.26
CA THR A 153 1.07 2.30 -19.27
C THR A 153 -0.27 2.37 -18.56
N LEU A 154 -0.17 2.32 -17.22
CA LEU A 154 -1.26 2.35 -16.31
C LEU A 154 -1.30 3.77 -15.75
N THR A 155 -2.52 4.30 -15.53
CA THR A 155 -2.64 5.67 -15.02
C THR A 155 -3.51 5.76 -13.75
N CYS A 156 -3.30 6.87 -13.04
CA CYS A 156 -3.76 7.12 -11.71
C CYS A 156 -4.18 8.59 -11.64
N ARG A 157 -5.49 8.84 -11.56
CA ARG A 157 -6.08 10.16 -11.62
C ARG A 157 -6.58 10.53 -10.22
N SER A 158 -6.45 11.82 -9.88
CA SER A 158 -6.98 12.39 -8.63
C SER A 158 -8.24 13.19 -8.93
N SER A 159 -9.31 13.01 -8.15
CA SER A 159 -10.51 13.82 -8.23
C SER A 159 -10.22 15.28 -7.87
N THR A 160 -9.13 15.57 -7.15
CA THR A 160 -8.90 16.94 -6.66
C THR A 160 -8.39 17.86 -7.77
N GLY A 161 -7.88 17.28 -8.88
CA GLY A 161 -7.14 18.00 -9.90
C GLY A 161 -5.90 17.21 -10.31
N ALA A 162 -4.93 17.91 -10.90
CA ALA A 162 -3.72 17.30 -11.44
C ALA A 162 -2.89 16.65 -10.32
N VAL A 163 -2.29 15.50 -10.65
CA VAL A 163 -1.34 14.87 -9.79
C VAL A 163 0.00 15.57 -10.01
N THR A 164 0.70 15.83 -8.91
CA THR A 164 1.98 16.48 -8.91
C THR A 164 2.96 15.66 -8.07
N THR A 165 4.22 16.08 -8.05
CA THR A 165 5.21 15.36 -7.26
C THR A 165 4.86 15.48 -5.77
N SER A 166 4.04 16.46 -5.40
CA SER A 166 3.58 16.62 -4.04
C SER A 166 2.60 15.52 -3.60
N ASN A 167 2.11 14.71 -4.54
CA ASN A 167 1.28 13.58 -4.22
C ASN A 167 2.12 12.30 -4.03
N TYR A 168 3.44 12.32 -4.27
CA TYR A 168 4.33 11.20 -3.97
C TYR A 168 3.73 9.85 -4.43
N ALA A 169 3.27 9.79 -5.68
CA ALA A 169 2.57 8.64 -6.18
C ALA A 169 3.43 7.38 -5.95
N ASN A 170 2.78 6.33 -5.44
CA ASN A 170 3.37 5.02 -5.32
C ASN A 170 2.58 4.05 -6.19
N TRP A 171 3.27 3.00 -6.60
CA TRP A 171 2.68 1.89 -7.33
C TRP A 171 3.06 0.60 -6.63
N VAL A 172 2.06 -0.25 -6.41
CA VAL A 172 2.17 -1.50 -5.67
C VAL A 172 1.56 -2.61 -6.53
N GLN A 173 2.21 -3.76 -6.57
CA GLN A 173 1.78 -4.92 -7.35
C GLN A 173 1.24 -5.97 -6.39
N GLU A 174 0.06 -6.49 -6.72
CA GLU A 174 -0.52 -7.60 -6.00
C GLU A 174 -0.46 -8.85 -6.90
N LYS A 175 0.34 -9.83 -6.48
CA LYS A 175 0.35 -11.17 -7.17
C LYS A 175 -0.47 -12.17 -6.36
N PRO A 176 -0.86 -13.34 -6.94
CA PRO A 176 -1.56 -14.36 -6.16
C PRO A 176 -0.51 -14.91 -5.19
N ASP A 177 -0.86 -15.11 -3.92
CA ASP A 177 -2.15 -14.87 -3.31
C ASP A 177 -1.97 -13.77 -2.26
N HIS A 178 -2.48 -12.56 -2.52
CA HIS A 178 -2.30 -11.41 -1.59
C HIS A 178 -0.79 -11.13 -1.32
N LEU A 179 0.01 -11.30 -2.36
CA LEU A 179 1.42 -11.00 -2.33
C LEU A 179 1.63 -9.58 -2.90
N PHE A 180 1.93 -8.61 -2.03
CA PHE A 180 2.10 -7.22 -2.42
C PHE A 180 3.58 -6.86 -2.41
N THR A 181 4.03 -6.15 -3.46
CA THR A 181 5.36 -5.55 -3.44
C THR A 181 5.28 -4.13 -4.00
N GLY A 182 5.98 -3.21 -3.33
CA GLY A 182 6.03 -1.82 -3.83
C GLY A 182 6.96 -1.75 -5.04
N LEU A 183 6.53 -1.10 -6.12
CA LEU A 183 7.38 -0.94 -7.29
C LEU A 183 8.05 0.43 -7.34
N ILE A 184 7.25 1.48 -7.10
CA ILE A 184 7.62 2.85 -7.33
C ILE A 184 7.10 3.64 -6.13
N GLY A 185 7.95 4.53 -5.57
CA GLY A 185 7.53 5.55 -4.66
C GLY A 185 8.07 6.90 -5.09
N GLY A 186 7.52 7.98 -4.50
CA GLY A 186 8.00 9.34 -4.80
C GLY A 186 7.91 9.64 -6.30
N THR A 187 6.80 9.24 -6.90
CA THR A 187 6.44 9.47 -8.31
C THR A 187 7.19 8.52 -9.24
N ASN A 188 8.53 8.49 -9.12
CA ASN A 188 9.31 7.78 -10.11
C ASN A 188 10.54 7.08 -9.53
N ASN A 189 10.57 6.83 -8.22
CA ASN A 189 11.72 6.21 -7.61
C ASN A 189 11.46 4.71 -7.49
N ARG A 190 12.20 3.93 -8.26
CA ARG A 190 12.05 2.46 -8.23
C ARG A 190 12.56 1.89 -6.89
N ALA A 191 11.76 1.05 -6.25
CA ALA A 191 12.21 0.37 -5.00
C ALA A 191 13.38 -0.56 -5.33
N PRO A 192 14.39 -0.77 -4.44
CA PRO A 192 15.53 -1.62 -4.80
C PRO A 192 15.11 -3.06 -5.17
N GLY A 193 15.82 -3.67 -6.13
CA GLY A 193 15.51 -5.01 -6.58
C GLY A 193 14.32 -5.06 -7.52
N VAL A 194 13.65 -3.92 -7.74
CA VAL A 194 12.52 -3.89 -8.68
C VAL A 194 13.03 -3.89 -10.11
N PRO A 195 12.52 -4.75 -11.01
CA PRO A 195 13.04 -4.81 -12.38
C PRO A 195 12.98 -3.45 -13.09
N ALA A 196 13.99 -3.21 -13.92
CA ALA A 196 14.13 -1.97 -14.65
C ALA A 196 13.02 -1.74 -15.70
N ARG A 197 12.30 -2.77 -16.15
CA ARG A 197 11.13 -2.59 -17.08
C ARG A 197 10.00 -1.75 -16.48
N PHE A 198 10.02 -1.54 -15.16
CA PHE A 198 9.00 -0.71 -14.48
C PHE A 198 9.53 0.70 -14.27
N SER A 199 8.71 1.68 -14.58
CA SER A 199 9.04 3.11 -14.48
CA SER A 199 9.06 3.09 -14.37
C SER A 199 7.81 3.90 -14.04
N GLY A 200 7.99 4.92 -13.20
CA GLY A 200 6.89 5.82 -12.85
C GLY A 200 7.08 7.16 -13.51
N SER A 201 5.96 7.88 -13.79
CA SER A 201 5.99 9.18 -14.39
C SER A 201 4.72 9.95 -14.02
N LEU A 202 4.73 11.23 -14.38
CA LEU A 202 3.54 12.04 -14.51
C LEU A 202 3.31 12.28 -16.02
N ILE A 203 2.10 12.00 -16.47
CA ILE A 203 1.71 12.11 -17.83
C ILE A 203 0.31 12.71 -17.84
N GLY A 204 0.11 13.85 -18.48
CA GLY A 204 -1.23 14.43 -18.63
C GLY A 204 -1.95 14.62 -17.29
N ASP A 205 -1.21 15.11 -16.29
CA ASP A 205 -1.77 15.40 -14.97
C ASP A 205 -2.32 14.15 -14.23
N LYS A 206 -1.85 12.97 -14.62
CA LYS A 206 -2.04 11.72 -13.93
C LYS A 206 -0.64 11.16 -13.56
N ALA A 207 -0.57 10.34 -12.51
CA ALA A 207 0.61 9.47 -12.30
C ALA A 207 0.48 8.30 -13.27
N ALA A 208 1.61 7.74 -13.69
CA ALA A 208 1.58 6.64 -14.55
C ALA A 208 2.72 5.69 -14.22
N LEU A 209 2.43 4.41 -14.44
CA LEU A 209 3.39 3.35 -14.38
C LEU A 209 3.47 2.72 -15.77
N THR A 210 4.70 2.54 -16.25
CA THR A 210 4.93 1.97 -17.57
C THR A 210 5.72 0.68 -17.39
N ILE A 211 5.25 -0.38 -18.05
CA ILE A 211 6.07 -1.57 -18.18
C ILE A 211 6.59 -1.60 -19.62
N THR A 212 7.90 -1.43 -19.77
CA THR A 212 8.51 -1.39 -21.08
C THR A 212 9.01 -2.78 -21.40
N GLY A 213 8.17 -3.55 -22.12
CA GLY A 213 8.44 -4.94 -22.35
C GLY A 213 7.77 -5.80 -21.31
N ALA A 214 6.44 -6.00 -21.47
CA ALA A 214 5.69 -6.71 -20.45
C ALA A 214 6.11 -8.18 -20.49
N GLN A 215 6.13 -8.84 -19.31
CA GLN A 215 6.46 -10.26 -19.21
C GLN A 215 5.24 -10.99 -18.63
N THR A 216 5.10 -12.29 -18.94
CA THR A 216 4.00 -13.04 -18.49
CA THR A 216 3.97 -13.11 -18.55
C THR A 216 3.73 -12.97 -17.03
N GLU A 217 4.84 -12.89 -16.26
CA GLU A 217 4.74 -12.84 -14.81
C GLU A 217 4.27 -11.47 -14.31
N ASP A 218 4.10 -10.49 -15.21
CA ASP A 218 3.61 -9.17 -14.79
C ASP A 218 2.08 -9.12 -14.73
N GLU A 219 1.42 -10.22 -15.10
CA GLU A 219 -0.04 -10.31 -14.96
C GLU A 219 -0.34 -10.24 -13.46
N ALA A 220 -1.14 -9.25 -13.06
CA ALA A 220 -1.19 -8.88 -11.67
C ALA A 220 -2.19 -7.72 -11.53
N ILE A 221 -2.47 -7.37 -10.28
CA ILE A 221 -3.23 -6.18 -10.02
C ILE A 221 -2.27 -5.08 -9.56
N TYR A 222 -2.42 -3.86 -10.11
CA TYR A 222 -1.53 -2.80 -9.80
C TYR A 222 -2.32 -1.69 -9.14
N PHE A 223 -1.90 -1.28 -7.93
CA PHE A 223 -2.55 -0.21 -7.22
C PHE A 223 -1.66 1.03 -7.21
N CYS A 224 -2.28 2.20 -7.34
CA CYS A 224 -1.58 3.41 -7.07
C CYS A 224 -2.08 3.99 -5.75
N ALA A 225 -1.23 4.82 -5.16
CA ALA A 225 -1.55 5.52 -3.95
C ALA A 225 -1.00 6.95 -4.05
N LEU A 226 -1.84 7.92 -3.66
CA LEU A 226 -1.52 9.37 -3.69
C LEU A 226 -1.66 9.93 -2.27
N TRP A 227 -0.77 10.86 -1.96
CA TRP A 227 -0.62 11.47 -0.67
C TRP A 227 -1.27 12.84 -0.74
N TYR A 228 -2.15 13.15 0.21
CA TYR A 228 -2.76 14.47 0.29
C TYR A 228 -2.50 15.09 1.67
N SER A 229 -1.30 15.64 1.84
CA SER A 229 -0.84 16.46 2.98
C SER A 229 -0.53 15.62 4.22
N ASN A 230 -1.50 14.79 4.64
CA ASN A 230 -1.33 13.98 5.83
C ASN A 230 -2.11 12.66 5.78
N HIS A 231 -2.54 12.22 4.58
CA HIS A 231 -3.11 10.88 4.41
C HIS A 231 -2.90 10.34 2.98
N TRP A 232 -3.04 9.02 2.84
CA TRP A 232 -2.94 8.34 1.55
C TRP A 232 -4.34 7.96 1.07
N VAL A 233 -4.55 7.98 -0.25
CA VAL A 233 -5.72 7.36 -0.81
C VAL A 233 -5.24 6.44 -1.92
N PHE A 234 -5.61 5.15 -1.81
CA PHE A 234 -5.32 4.16 -2.84
C PHE A 234 -6.39 4.19 -3.93
N GLY A 235 -5.98 4.02 -5.20
CA GLY A 235 -6.89 3.81 -6.26
C GLY A 235 -7.51 2.45 -6.16
N GLY A 236 -8.46 2.14 -7.04
CA GLY A 236 -9.18 0.86 -7.00
C GLY A 236 -8.45 -0.28 -7.67
N GLY A 237 -7.30 0.00 -8.30
CA GLY A 237 -6.44 -1.03 -8.87
C GLY A 237 -6.78 -1.30 -10.31
N THR A 238 -5.77 -1.81 -11.04
CA THR A 238 -5.91 -2.15 -12.42
C THR A 238 -5.52 -3.62 -12.56
N LYS A 239 -6.42 -4.43 -13.12
CA LYS A 239 -6.11 -5.78 -13.47
C LYS A 239 -5.39 -5.81 -14.82
N LEU A 240 -4.09 -6.12 -14.79
CA LEU A 240 -3.33 -6.31 -16.00
C LEU A 240 -3.29 -7.80 -16.36
N THR A 241 -3.79 -8.10 -17.56
CA THR A 241 -3.67 -9.39 -18.16
C THR A 241 -2.51 -9.36 -19.18
N VAL A 242 -1.69 -10.43 -19.18
CA VAL A 242 -0.63 -10.56 -20.11
C VAL A 242 -0.91 -11.80 -20.94
N LEU A 243 -1.37 -11.59 -22.18
CA LEU A 243 -1.87 -12.66 -23.04
C LEU A 243 -0.84 -13.03 -24.11
N GLY A 244 -0.52 -14.33 -24.20
CA GLY A 244 0.30 -14.90 -25.32
C GLY A 244 1.73 -15.25 -24.88
N ALA B 1 6.97 15.29 2.03
CA ALA B 1 5.74 15.40 2.87
C ALA B 1 5.43 14.05 3.50
N PRO B 2 5.38 12.89 2.79
CA PRO B 2 5.33 11.58 3.44
C PRO B 2 6.76 11.14 3.81
N ASP B 3 6.93 9.84 4.08
CA ASP B 3 8.22 9.28 4.37
C ASP B 3 9.08 9.18 3.10
N THR B 4 9.81 10.25 2.80
CA THR B 4 10.71 10.34 1.62
C THR B 4 12.13 9.81 1.94
N ARG B 5 12.34 9.26 3.16
CA ARG B 5 13.65 8.71 3.59
C ARG B 5 14.09 7.63 2.60
N PRO B 6 15.28 7.74 1.95
CA PRO B 6 15.80 6.66 1.09
C PRO B 6 15.80 5.26 1.73
C1 EDO C . 14.87 7.24 15.00
O1 EDO C . 14.55 7.33 13.63
C2 EDO C . 14.03 8.26 15.76
O2 EDO C . 13.83 9.50 15.07
C1 EDO D . 7.88 -8.02 -8.29
O1 EDO D . 6.90 -9.06 -8.62
C2 EDO D . 8.18 -7.13 -9.52
O2 EDO D . 8.55 -7.91 -10.69
C1 EDO E . -0.87 -6.71 -26.85
O1 EDO E . -0.82 -7.52 -28.02
C2 EDO E . -1.41 -5.35 -27.18
O2 EDO E . -0.78 -4.32 -26.43
C1 EDO F . 10.96 -12.19 -19.81
O1 EDO F . 10.22 -12.67 -20.91
C2 EDO F . 12.41 -11.85 -20.07
O2 EDO F . 13.29 -12.57 -19.19
C1 N8W G . 12.32 12.91 3.00
C2 N8W G . 11.96 13.91 4.13
N2 N8W G . 10.99 13.30 5.08
C3 N8W G . 11.43 15.24 3.49
O3 N8W G . 11.29 16.21 4.53
C4 N8W G . 12.37 15.84 2.41
O4 N8W G . 13.55 16.35 3.08
C5 N8W G . 12.81 14.81 1.33
C6 N8W G . 14.12 15.27 0.62
C7 N8W G . 11.25 12.13 5.72
O7 N8W G . 12.28 11.46 5.58
C8 N8W G . 10.19 11.63 6.70
N1 N8W G . 13.20 13.53 1.97
C29 N8W G . 14.42 13.18 1.52
O32 N8W G . 15.04 12.18 1.91
O27 N8W G . 14.85 14.03 0.54
#